data_4RY0
#
_entry.id   4RY0
#
_cell.length_a   93.110
_cell.length_b   36.766
_cell.length_c   95.480
_cell.angle_alpha   90.00
_cell.angle_beta   117.91
_cell.angle_gamma   90.00
#
_symmetry.space_group_name_H-M   'C 1 2 1'
#
loop_
_entity.id
_entity.type
_entity.pdbx_description
1 polymer 'Probable ribose ABC transporter, substrate-binding protein'
2 non-polymer beta-D-ribopyranose
3 non-polymer 'CHLORIDE ION'
4 non-polymer 'CALCIUM ION'
5 water water
#
_entity_poly.entity_id   1
_entity_poly.type   'polypeptide(L)'
_entity_poly.pdbx_seq_one_letter_code
;SMADLIAIITPAHDNPFFKAEAVGAEAKAKELGYETLVMTHDDDANKQSEMIDTAIGRGAKAIILDNAGADASVAAVKKA
KDAGIPSFLIDREINATGVAVAQIVSNNYQGAQLGAQEFVKLMGEKGNYVELVGKESDTNAGIRSQGYHDVIDDYPEMKS
VAKQSANWSQTEAYSKMETILQANPDIKGVISGNDTMAMGAIAALQAAGRKDVIVVGFDGSNDVRDSIKSGGIKATVLQP
AYAQAQLAVEQADAYIKNKTTPKEEKQLMDCVLINADNAGKLETFALTN
;
_entity_poly.pdbx_strand_id   A
#
# COMPACT_ATOMS: atom_id res chain seq x y z
N MET A 2 -14.18 -3.31 31.31
CA MET A 2 -12.84 -3.50 31.95
C MET A 2 -11.64 -3.42 30.98
N ALA A 3 -11.69 -4.10 29.83
CA ALA A 3 -10.55 -4.10 28.85
C ALA A 3 -10.43 -2.72 28.16
N ASP A 4 -9.22 -2.15 28.11
CA ASP A 4 -8.96 -1.00 27.21
C ASP A 4 -9.26 -1.34 25.73
N LEU A 5 -9.67 -0.33 24.96
CA LEU A 5 -10.05 -0.48 23.57
C LEU A 5 -9.02 0.19 22.64
N ILE A 6 -8.66 -0.51 21.56
CA ILE A 6 -7.92 0.05 20.45
C ILE A 6 -8.81 0.01 19.19
N ALA A 7 -8.88 1.18 18.54
CA ALA A 7 -9.63 1.34 17.29
C ALA A 7 -8.65 1.23 16.14
N ILE A 8 -9.06 0.49 15.12
CA ILE A 8 -8.30 0.23 13.93
C ILE A 8 -9.15 0.68 12.74
N ILE A 9 -8.59 1.58 11.94
CA ILE A 9 -9.33 2.19 10.83
C ILE A 9 -8.47 2.15 9.58
N THR A 10 -8.97 1.55 8.51
CA THR A 10 -8.25 1.43 7.26
C THR A 10 -9.19 1.72 6.08
N PRO A 11 -8.65 1.69 4.85
CA PRO A 11 -9.55 1.65 3.69
C PRO A 11 -10.26 0.28 3.58
N ALA A 12 -11.15 0.14 2.59
CA ALA A 12 -11.93 -1.07 2.41
C ALA A 12 -11.11 -2.34 2.25
N HIS A 13 -11.63 -3.41 2.79
CA HIS A 13 -10.96 -4.69 2.89
C HIS A 13 -10.98 -5.46 1.57
N ASP A 14 -11.64 -4.93 0.55
CA ASP A 14 -11.61 -5.55 -0.79
C ASP A 14 -10.19 -5.54 -1.40
N ASN A 15 -9.35 -4.63 -0.93
CA ASN A 15 -7.93 -4.73 -1.24
C ASN A 15 -7.29 -5.54 -0.11
N PRO A 16 -6.71 -6.71 -0.43
CA PRO A 16 -6.19 -7.56 0.63
C PRO A 16 -5.13 -6.91 1.52
N PHE A 17 -4.48 -5.90 0.97
CA PHE A 17 -3.45 -5.19 1.77
C PHE A 17 -4.03 -4.63 3.07
N PHE A 18 -5.20 -4.00 2.95
CA PHE A 18 -5.80 -3.34 4.11
C PHE A 18 -6.40 -4.35 5.07
N LYS A 19 -7.00 -5.41 4.52
CA LYS A 19 -7.49 -6.49 5.35
C LYS A 19 -6.37 -7.09 6.22
N ALA A 20 -5.22 -7.31 5.61
CA ALA A 20 -4.12 -7.87 6.33
C ALA A 20 -3.61 -6.95 7.45
N GLU A 21 -3.59 -5.66 7.17
CA GLU A 21 -3.24 -4.69 8.21
C GLU A 21 -4.21 -4.78 9.39
N ALA A 22 -5.51 -4.81 9.07
CA ALA A 22 -6.49 -4.85 10.12
C ALA A 22 -6.38 -6.10 10.96
N VAL A 23 -6.15 -7.24 10.30
CA VAL A 23 -6.04 -8.49 11.03
C VAL A 23 -4.76 -8.54 11.89
N GLY A 24 -3.66 -8.04 11.35
CA GLY A 24 -2.42 -7.96 12.09
C GLY A 24 -2.54 -7.08 13.32
N ALA A 25 -3.18 -5.92 13.15
CA ALA A 25 -3.30 -4.98 14.27
C ALA A 25 -4.23 -5.57 15.34
N GLU A 26 -5.37 -6.13 14.88
CA GLU A 26 -6.30 -6.77 15.78
C GLU A 26 -5.62 -7.90 16.58
N ALA A 27 -4.85 -8.72 15.88
CA ALA A 27 -4.16 -9.81 16.57
C ALA A 27 -3.22 -9.30 17.66
N LYS A 28 -2.43 -8.28 17.34
CA LYS A 28 -1.47 -7.79 18.34
C LYS A 28 -2.23 -7.14 19.52
N ALA A 29 -3.29 -6.40 19.21
CA ALA A 29 -4.05 -5.73 20.25
C ALA A 29 -4.61 -6.75 21.24
N LYS A 30 -5.23 -7.83 20.73
CA LYS A 30 -5.82 -8.84 21.61
C LYS A 30 -4.75 -9.63 22.37
N GLU A 31 -3.63 -9.87 21.70
CA GLU A 31 -2.49 -10.54 22.35
C GLU A 31 -2.00 -9.76 23.57
N LEU A 32 -2.19 -8.44 23.54
CA LEU A 32 -1.72 -7.56 24.62
C LEU A 32 -2.85 -7.16 25.58
N GLY A 33 -3.99 -7.82 25.43
CA GLY A 33 -5.10 -7.67 26.36
C GLY A 33 -6.11 -6.60 26.05
N TYR A 34 -6.03 -6.02 24.85
CA TYR A 34 -7.03 -5.02 24.44
C TYR A 34 -8.25 -5.57 23.73
N GLU A 35 -9.38 -4.86 23.86
CA GLU A 35 -10.50 -5.09 22.96
C GLU A 35 -10.25 -4.23 21.72
N THR A 36 -10.93 -4.57 20.64
CA THR A 36 -10.69 -3.92 19.36
C THR A 36 -12.00 -3.46 18.74
N LEU A 37 -11.88 -2.45 17.90
CA LEU A 37 -12.97 -1.93 17.11
C LEU A 37 -12.38 -1.65 15.73
N VAL A 38 -12.76 -2.48 14.76
CA VAL A 38 -12.25 -2.41 13.40
C VAL A 38 -13.30 -1.75 12.51
N MET A 39 -12.86 -0.69 11.82
CA MET A 39 -13.71 0.10 10.97
C MET A 39 -12.95 0.38 9.64
N THR A 40 -13.74 0.63 8.60
CA THR A 40 -13.28 1.01 7.29
C THR A 40 -13.82 2.36 6.87
N HIS A 41 -12.98 3.13 6.19
CA HIS A 41 -13.37 4.45 5.73
C HIS A 41 -13.62 4.56 4.22
N ASP A 42 -13.31 3.49 3.49
CA ASP A 42 -13.56 3.39 2.05
C ASP A 42 -12.99 4.55 1.24
N ASP A 43 -11.84 5.04 1.70
CA ASP A 43 -11.12 6.16 1.08
C ASP A 43 -11.95 7.43 0.96
N ASP A 44 -12.77 7.64 1.97
CA ASP A 44 -13.69 8.76 2.04
C ASP A 44 -13.36 9.54 3.32
N ALA A 45 -12.89 10.77 3.17
CA ALA A 45 -12.51 11.59 4.33
C ALA A 45 -13.65 11.79 5.31
N ASN A 46 -14.88 11.90 4.81
CA ASN A 46 -16.05 12.07 5.70
C ASN A 46 -16.31 10.80 6.50
N LYS A 47 -16.27 9.65 5.84
CA LYS A 47 -16.41 8.37 6.54
C LYS A 47 -15.29 8.19 7.58
N GLN A 48 -14.09 8.59 7.24
CA GLN A 48 -12.97 8.54 8.19
C GLN A 48 -13.21 9.43 9.41
N SER A 49 -13.73 10.64 9.17
CA SER A 49 -14.21 11.52 10.21
C SER A 49 -15.26 10.86 11.09
N GLU A 50 -16.29 10.26 10.49
CA GLU A 50 -17.32 9.52 11.25
C GLU A 50 -16.67 8.41 12.12
N MET A 51 -15.76 7.65 11.53
CA MET A 51 -15.14 6.53 12.26
C MET A 51 -14.26 7.00 13.43
N ILE A 52 -13.53 8.08 13.25
CA ILE A 52 -12.75 8.63 14.36
C ILE A 52 -13.68 9.17 15.47
N ASP A 53 -14.83 9.75 15.08
CA ASP A 53 -15.83 10.20 16.08
C ASP A 53 -16.32 8.98 16.88
N THR A 54 -16.54 7.88 16.17
CA THR A 54 -17.01 6.64 16.80
C THR A 54 -15.94 6.15 17.82
N ALA A 55 -14.66 6.18 17.43
CA ALA A 55 -13.54 5.78 18.33
C ALA A 55 -13.46 6.60 19.60
N ILE A 56 -13.66 7.89 19.42
CA ILE A 56 -13.76 8.84 20.52
C ILE A 56 -14.95 8.54 21.43
N GLY A 57 -16.13 8.42 20.80
CA GLY A 57 -17.39 8.11 21.52
C GLY A 57 -17.31 6.82 22.32
N ARG A 58 -16.57 5.86 21.78
CA ARG A 58 -16.42 4.54 22.43
C ARG A 58 -15.28 4.51 23.46
N GLY A 59 -14.49 5.56 23.52
CA GLY A 59 -13.40 5.64 24.46
C GLY A 59 -12.13 4.86 24.12
N ALA A 60 -11.87 4.72 22.83
CA ALA A 60 -10.59 4.14 22.41
C ALA A 60 -9.40 4.80 23.08
N LYS A 61 -8.44 3.99 23.53
CA LYS A 61 -7.19 4.46 24.15
C LYS A 61 -6.08 4.81 23.11
N ALA A 62 -6.26 4.28 21.90
CA ALA A 62 -5.41 4.59 20.76
C ALA A 62 -6.14 4.24 19.48
N ILE A 63 -5.73 4.94 18.44
CA ILE A 63 -6.20 4.68 17.09
C ILE A 63 -5.03 4.22 16.21
N ILE A 64 -5.24 3.11 15.51
CA ILE A 64 -4.31 2.64 14.46
C ILE A 64 -4.97 3.03 13.13
N LEU A 65 -4.28 3.86 12.30
CA LEU A 65 -4.92 4.44 11.12
C LEU A 65 -4.11 4.27 9.84
N ASP A 66 -4.73 3.68 8.82
CA ASP A 66 -4.24 3.74 7.44
C ASP A 66 -5.20 4.71 6.73
N ASN A 67 -4.72 5.92 6.44
CA ASN A 67 -5.62 7.08 6.27
C ASN A 67 -6.26 7.24 4.88
N ALA A 68 -7.20 8.17 4.84
CA ALA A 68 -8.01 8.44 3.65
C ALA A 68 -7.56 9.63 2.82
N GLY A 69 -6.37 10.15 3.10
CA GLY A 69 -5.81 11.23 2.31
C GLY A 69 -4.77 11.97 3.14
N ALA A 70 -3.63 12.25 2.52
CA ALA A 70 -2.50 12.85 3.24
C ALA A 70 -2.75 14.23 3.83
N ASP A 71 -3.56 15.02 3.13
CA ASP A 71 -3.93 16.37 3.60
C ASP A 71 -5.22 16.33 4.43
N ALA A 72 -6.25 15.72 3.86
CA ALA A 72 -7.59 15.64 4.48
C ALA A 72 -7.55 14.99 5.88
N SER A 73 -6.58 14.12 6.15
CA SER A 73 -6.57 13.32 7.39
C SER A 73 -5.96 14.05 8.59
N VAL A 74 -5.25 15.14 8.35
CA VAL A 74 -4.60 15.88 9.44
C VAL A 74 -5.65 16.33 10.48
N ALA A 75 -6.73 16.96 10.02
CA ALA A 75 -7.77 17.47 10.94
C ALA A 75 -8.39 16.34 11.80
N ALA A 76 -8.63 15.20 11.18
CA ALA A 76 -9.23 14.03 11.87
C ALA A 76 -8.32 13.50 12.98
N VAL A 77 -7.03 13.41 12.68
CA VAL A 77 -6.05 12.91 13.63
C VAL A 77 -5.88 13.91 14.74
N LYS A 78 -5.97 15.18 14.37
CA LYS A 78 -5.88 16.28 15.35
C LYS A 78 -7.16 16.30 16.23
N LYS A 79 -8.33 16.04 15.66
CA LYS A 79 -9.53 15.93 16.49
C LYS A 79 -9.31 14.85 17.59
N ALA A 80 -8.85 13.68 17.19
CA ALA A 80 -8.65 12.59 18.17
C ALA A 80 -7.65 13.02 19.23
N LYS A 81 -6.59 13.64 18.76
CA LYS A 81 -5.50 14.08 19.64
C LYS A 81 -5.97 15.05 20.76
N ASP A 82 -6.78 16.00 20.35
CA ASP A 82 -7.30 16.98 21.26
C ASP A 82 -8.32 16.35 22.21
N ALA A 83 -8.96 15.24 21.81
CA ALA A 83 -9.83 14.45 22.70
C ALA A 83 -9.07 13.51 23.64
N GLY A 84 -7.74 13.65 23.61
CA GLY A 84 -6.82 12.85 24.42
C GLY A 84 -6.51 11.45 23.89
N ILE A 85 -6.77 11.21 22.61
CA ILE A 85 -6.54 9.90 21.99
C ILE A 85 -5.41 9.94 20.96
N PRO A 86 -4.28 9.22 21.24
CA PRO A 86 -3.12 9.16 20.33
C PRO A 86 -3.40 8.28 19.09
N SER A 87 -2.82 8.69 17.97
CA SER A 87 -2.88 7.93 16.71
C SER A 87 -1.51 7.41 16.29
N PHE A 88 -1.52 6.16 15.84
CA PHE A 88 -0.32 5.47 15.32
C PHE A 88 -0.66 5.09 13.88
N LEU A 89 -0.08 5.81 12.94
CA LEU A 89 -0.39 5.67 11.53
C LEU A 89 0.48 4.62 10.92
N ILE A 90 -0.14 3.84 10.05
CA ILE A 90 0.57 2.87 9.23
C ILE A 90 0.35 3.13 7.75
N ASP A 91 1.30 2.70 6.93
CA ASP A 91 1.22 2.61 5.48
C ASP A 91 1.30 3.97 4.76
N ARG A 92 0.34 4.85 5.09
CA ARG A 92 0.21 6.13 4.45
C ARG A 92 0.56 7.26 5.45
N GLU A 93 1.36 8.19 4.97
CA GLU A 93 1.72 9.37 5.71
C GLU A 93 0.61 10.41 5.65
N ILE A 94 0.65 11.31 6.61
CA ILE A 94 -0.06 12.59 6.55
C ILE A 94 0.97 13.70 6.39
N ASN A 95 0.49 14.84 5.86
CA ASN A 95 1.36 15.95 5.54
C ASN A 95 1.43 16.92 6.74
N ALA A 96 1.96 16.38 7.83
CA ALA A 96 2.10 17.09 9.09
C ALA A 96 2.91 16.23 10.04
N THR A 97 3.77 16.88 10.81
CA THR A 97 4.52 16.25 11.86
C THR A 97 4.02 16.75 13.21
N GLY A 98 4.25 15.95 14.24
CA GLY A 98 3.84 16.29 15.63
C GLY A 98 2.35 16.20 15.93
N VAL A 99 1.60 15.54 15.06
CA VAL A 99 0.18 15.33 15.26
C VAL A 99 0.01 13.87 15.61
N ALA A 100 0.38 12.98 14.68
CA ALA A 100 0.42 11.56 14.97
C ALA A 100 1.59 11.28 15.92
N VAL A 101 1.44 10.28 16.78
CA VAL A 101 2.54 9.85 17.61
C VAL A 101 3.55 9.04 16.78
N ALA A 102 3.05 8.34 15.78
CA ALA A 102 3.91 7.56 14.90
C ALA A 102 3.35 7.53 13.50
N GLN A 103 4.26 7.46 12.51
CA GLN A 103 3.88 7.18 11.12
C GLN A 103 4.84 6.10 10.62
N ILE A 104 4.33 4.87 10.57
CA ILE A 104 5.16 3.69 10.27
C ILE A 104 4.79 3.22 8.89
N VAL A 105 5.69 3.48 7.95
CA VAL A 105 5.43 3.26 6.55
C VAL A 105 6.57 2.46 5.88
N SER A 106 6.32 1.91 4.73
CA SER A 106 7.37 1.27 3.98
C SER A 106 8.30 2.31 3.39
N ASN A 107 9.51 1.87 3.09
CA ASN A 107 10.40 2.70 2.32
C ASN A 107 10.00 2.62 0.84
N ASN A 108 9.01 3.44 0.50
CA ASN A 108 8.39 3.35 -0.80
C ASN A 108 9.31 3.66 -1.97
N TYR A 109 10.23 4.60 -1.78
CA TYR A 109 11.13 4.97 -2.88
C TYR A 109 12.11 3.82 -3.14
N GLN A 110 12.69 3.27 -2.06
CA GLN A 110 13.60 2.09 -2.15
C GLN A 110 12.91 0.92 -2.80
N GLY A 111 11.71 0.63 -2.32
CA GLY A 111 10.95 -0.48 -2.85
C GLY A 111 10.65 -0.32 -4.30
N ALA A 112 10.21 0.90 -4.68
CA ALA A 112 9.85 1.12 -6.05
C ALA A 112 11.04 0.94 -6.98
N GLN A 113 12.20 1.38 -6.52
CA GLN A 113 13.40 1.17 -7.29
C GLN A 113 13.70 -0.33 -7.47
N LEU A 114 13.48 -1.16 -6.42
CA LEU A 114 13.67 -2.59 -6.60
C LEU A 114 12.78 -3.18 -7.69
N GLY A 115 11.53 -2.75 -7.67
CA GLY A 115 10.59 -3.28 -8.63
C GLY A 115 10.92 -2.79 -10.02
N ALA A 116 11.25 -1.51 -10.16
CA ALA A 116 11.67 -1.00 -11.47
C ALA A 116 12.94 -1.65 -12.02
N GLN A 117 13.90 -1.91 -11.16
CA GLN A 117 15.15 -2.58 -11.57
C GLN A 117 14.79 -3.95 -12.14
N GLU A 118 13.87 -4.66 -11.48
CA GLU A 118 13.44 -5.99 -12.00
C GLU A 118 12.67 -5.84 -13.32
N PHE A 119 11.82 -4.82 -13.42
CA PHE A 119 11.12 -4.52 -14.64
C PHE A 119 12.06 -4.29 -15.82
N VAL A 120 13.10 -3.51 -15.57
CA VAL A 120 14.07 -3.19 -16.62
C VAL A 120 14.78 -4.48 -17.09
N LYS A 121 15.15 -5.30 -16.13
CA LYS A 121 15.85 -6.56 -16.41
C LYS A 121 14.95 -7.47 -17.27
N LEU A 122 13.68 -7.59 -16.86
CA LEU A 122 12.75 -8.44 -17.57
C LEU A 122 12.47 -7.91 -19.00
N MET A 123 12.47 -6.59 -19.12
CA MET A 123 12.25 -5.89 -20.38
C MET A 123 13.47 -5.91 -21.30
N GLY A 124 14.59 -6.39 -20.80
CA GLY A 124 15.84 -6.36 -21.59
C GLY A 124 16.29 -4.94 -21.92
N GLU A 125 15.95 -4.00 -21.03
CA GLU A 125 16.36 -2.59 -21.16
C GLU A 125 15.75 -1.87 -22.38
N LYS A 126 14.69 -2.42 -22.97
CA LYS A 126 14.11 -1.79 -24.15
C LYS A 126 12.63 -2.08 -24.29
N GLY A 127 11.95 -1.16 -24.95
CA GLY A 127 10.57 -1.36 -25.38
C GLY A 127 9.59 -0.36 -24.81
N ASN A 128 8.37 -0.43 -25.34
CA ASN A 128 7.29 0.44 -24.91
C ASN A 128 6.60 -0.16 -23.68
N TYR A 129 6.28 0.67 -22.70
CA TYR A 129 5.60 0.23 -21.49
C TYR A 129 4.57 1.26 -21.10
N VAL A 130 3.69 0.84 -20.21
CA VAL A 130 2.69 1.70 -19.61
C VAL A 130 2.87 1.65 -18.09
N GLU A 131 2.50 2.76 -17.44
CA GLU A 131 2.52 2.85 -16.00
C GLU A 131 1.13 3.09 -15.45
N LEU A 132 0.74 2.32 -14.44
CA LEU A 132 -0.51 2.60 -13.71
C LEU A 132 -0.12 3.24 -12.38
N VAL A 133 -0.72 4.39 -12.07
CA VAL A 133 -0.42 5.19 -10.90
CA VAL A 133 -0.38 5.16 -10.87
C VAL A 133 -1.54 5.09 -9.88
N GLY A 134 -1.22 5.28 -8.60
CA GLY A 134 -2.22 5.25 -7.55
C GLY A 134 -2.96 6.59 -7.38
N LYS A 135 -3.63 6.67 -6.24
CA LYS A 135 -4.45 7.83 -5.90
C LYS A 135 -3.61 9.06 -5.62
N GLU A 136 -4.03 10.16 -6.22
CA GLU A 136 -3.33 11.42 -6.05
C GLU A 136 -3.23 11.89 -4.58
N SER A 137 -4.24 11.58 -3.79
CA SER A 137 -4.28 11.94 -2.37
C SER A 137 -3.32 11.18 -1.46
N ASP A 138 -2.76 10.10 -1.99
CA ASP A 138 -1.85 9.21 -1.25
C ASP A 138 -0.44 9.53 -1.69
N THR A 139 0.40 10.01 -0.78
CA THR A 139 1.78 10.33 -1.20
C THR A 139 2.53 9.12 -1.72
N ASN A 140 2.10 7.94 -1.33
CA ASN A 140 2.75 6.72 -1.83
C ASN A 140 2.71 6.62 -3.35
N ALA A 141 1.65 7.13 -3.97
CA ALA A 141 1.49 6.99 -5.40
C ALA A 141 2.62 7.74 -6.12
N GLY A 142 2.84 9.00 -5.73
CA GLY A 142 3.86 9.80 -6.36
C GLY A 142 5.27 9.34 -6.02
N ILE A 143 5.49 8.90 -4.78
CA ILE A 143 6.82 8.41 -4.40
C ILE A 143 7.19 7.18 -5.24
N ARG A 144 6.28 6.25 -5.43
CA ARG A 144 6.59 5.04 -6.20
C ARG A 144 6.85 5.39 -7.66
N SER A 145 6.02 6.25 -8.22
N SER A 145 6.01 6.26 -8.20
CA SER A 145 6.21 6.71 -9.60
CA SER A 145 6.17 6.68 -9.59
C SER A 145 7.57 7.33 -9.77
C SER A 145 7.49 7.41 -9.82
N GLN A 146 7.93 8.19 -8.83
CA GLN A 146 9.24 8.83 -8.90
C GLN A 146 10.35 7.79 -8.85
N GLY A 147 10.23 6.78 -7.97
CA GLY A 147 11.29 5.77 -7.89
C GLY A 147 11.38 5.00 -9.20
N TYR A 148 10.25 4.68 -9.78
CA TYR A 148 10.20 3.99 -11.05
C TYR A 148 10.87 4.81 -12.14
N HIS A 149 10.49 6.09 -12.21
CA HIS A 149 11.03 7.02 -13.22
C HIS A 149 12.54 7.15 -13.08
N ASP A 150 13.03 7.20 -11.84
CA ASP A 150 14.44 7.46 -11.59
C ASP A 150 15.31 6.25 -11.99
N VAL A 151 14.74 5.06 -11.97
CA VAL A 151 15.40 3.90 -12.57
C VAL A 151 15.30 3.89 -14.10
N ILE A 152 14.07 4.00 -14.60
CA ILE A 152 13.80 3.73 -15.99
C ILE A 152 14.39 4.82 -16.91
N ASP A 153 14.56 6.04 -16.38
CA ASP A 153 15.11 7.13 -17.19
C ASP A 153 16.61 6.96 -17.44
N ASP A 154 17.20 5.87 -16.93
CA ASP A 154 18.59 5.50 -17.30
C ASP A 154 18.68 4.64 -18.54
N TYR A 155 17.54 4.29 -19.12
CA TYR A 155 17.42 3.32 -20.23
C TYR A 155 16.74 3.99 -21.42
N PRO A 156 17.51 4.56 -22.35
CA PRO A 156 16.89 5.35 -23.40
C PRO A 156 15.98 4.62 -24.37
N GLU A 157 16.13 3.30 -24.46
CA GLU A 157 15.35 2.48 -25.38
C GLU A 157 14.01 2.07 -24.80
N MET A 158 13.84 2.35 -23.51
CA MET A 158 12.54 2.19 -22.85
CA MET A 158 12.54 2.18 -22.85
C MET A 158 11.71 3.47 -22.95
N LYS A 159 10.43 3.31 -23.32
CA LYS A 159 9.56 4.45 -23.58
C LYS A 159 8.19 4.24 -22.98
N SER A 160 7.76 5.18 -22.14
CA SER A 160 6.42 5.14 -21.57
C SER A 160 5.44 5.68 -22.57
N VAL A 161 4.46 4.87 -22.95
CA VAL A 161 3.46 5.30 -23.92
C VAL A 161 2.10 5.60 -23.29
N ALA A 162 1.98 5.41 -21.98
CA ALA A 162 0.85 5.92 -21.22
C ALA A 162 1.19 5.85 -19.75
N LYS A 163 0.67 6.81 -19.01
CA LYS A 163 0.87 6.94 -17.57
C LYS A 163 -0.48 7.46 -17.02
N GLN A 164 -1.21 6.57 -16.37
CA GLN A 164 -2.58 6.86 -15.98
C GLN A 164 -2.88 6.37 -14.58
N SER A 165 -3.70 7.14 -13.85
CA SER A 165 -4.13 6.70 -12.54
C SER A 165 -5.28 5.72 -12.64
N ALA A 166 -5.23 4.63 -11.87
CA ALA A 166 -6.38 3.75 -11.66
C ALA A 166 -6.75 3.66 -10.17
N ASN A 167 -6.23 4.63 -9.38
CA ASN A 167 -6.71 4.87 -8.03
C ASN A 167 -6.72 3.68 -7.09
N TRP A 168 -5.70 2.84 -7.26
CA TRP A 168 -5.53 1.68 -6.41
C TRP A 168 -6.72 0.69 -6.53
N SER A 169 -7.40 0.72 -7.67
CA SER A 169 -8.59 -0.11 -7.90
C SER A 169 -8.35 -1.14 -8.99
N GLN A 170 -8.60 -2.41 -8.64
CA GLN A 170 -8.53 -3.51 -9.62
C GLN A 170 -9.46 -3.28 -10.80
N THR A 171 -10.71 -2.90 -10.49
CA THR A 171 -11.70 -2.79 -11.55
C THR A 171 -11.39 -1.58 -12.45
N GLU A 172 -10.92 -0.47 -11.85
CA GLU A 172 -10.53 0.70 -12.63
C GLU A 172 -9.29 0.38 -13.48
N ALA A 173 -8.38 -0.38 -12.91
CA ALA A 173 -7.21 -0.77 -13.67
C ALA A 173 -7.56 -1.63 -14.90
N TYR A 174 -8.51 -2.56 -14.73
CA TYR A 174 -8.95 -3.40 -15.85
C TYR A 174 -9.47 -2.49 -16.99
N SER A 175 -10.36 -1.57 -16.64
CA SER A 175 -10.99 -0.72 -17.63
C SER A 175 -9.97 0.20 -18.28
N LYS A 176 -9.10 0.80 -17.47
CA LYS A 176 -8.02 1.65 -18.03
C LYS A 176 -7.12 0.85 -18.98
N MET A 177 -6.70 -0.33 -18.55
CA MET A 177 -5.86 -1.18 -19.38
C MET A 177 -6.45 -1.54 -20.74
N GLU A 178 -7.76 -1.86 -20.76
CA GLU A 178 -8.46 -2.14 -22.02
C GLU A 178 -8.32 -0.97 -22.97
N THR A 179 -8.59 0.22 -22.45
CA THR A 179 -8.47 1.47 -23.26
C THR A 179 -7.00 1.70 -23.69
N ILE A 180 -6.07 1.56 -22.76
CA ILE A 180 -4.66 1.78 -23.09
C ILE A 180 -4.19 0.78 -24.14
N LEU A 181 -4.66 -0.47 -24.04
CA LEU A 181 -4.19 -1.54 -24.92
C LEU A 181 -4.74 -1.33 -26.33
N GLN A 182 -5.97 -0.82 -26.44
CA GLN A 182 -6.53 -0.46 -27.75
C GLN A 182 -5.74 0.65 -28.40
N ALA A 183 -5.31 1.63 -27.61
CA ALA A 183 -4.52 2.76 -28.11
C ALA A 183 -3.07 2.37 -28.42
N ASN A 184 -2.59 1.33 -27.75
CA ASN A 184 -1.16 0.95 -27.82
C ASN A 184 -0.95 -0.55 -27.91
N PRO A 185 -1.20 -1.12 -29.09
CA PRO A 185 -1.04 -2.57 -29.25
C PRO A 185 0.42 -3.03 -29.09
N ASP A 186 1.37 -2.12 -29.32
CA ASP A 186 2.82 -2.49 -29.31
C ASP A 186 3.52 -2.50 -27.92
N ILE A 187 2.74 -2.55 -26.84
CA ILE A 187 3.33 -2.58 -25.49
C ILE A 187 3.93 -3.93 -25.09
N LYS A 188 5.08 -3.81 -24.43
CA LYS A 188 5.87 -4.92 -23.99
C LYS A 188 5.71 -5.19 -22.49
N GLY A 189 5.38 -4.13 -21.74
CA GLY A 189 5.24 -4.25 -20.31
C GLY A 189 4.38 -3.19 -19.65
N VAL A 190 3.94 -3.51 -18.44
CA VAL A 190 3.18 -2.63 -17.59
C VAL A 190 3.84 -2.64 -16.20
N ILE A 191 4.10 -1.46 -15.66
CA ILE A 191 4.58 -1.32 -14.28
C ILE A 191 3.50 -0.61 -13.49
N SER A 192 3.16 -1.18 -12.34
CA SER A 192 2.03 -0.70 -11.55
C SER A 192 2.45 -0.26 -10.16
N GLY A 193 1.85 0.83 -9.69
CA GLY A 193 2.11 1.32 -8.35
C GLY A 193 1.58 0.42 -7.24
N ASN A 194 0.70 -0.52 -7.56
CA ASN A 194 0.25 -1.48 -6.54
C ASN A 194 -0.26 -2.81 -7.16
N ASP A 195 -0.58 -3.73 -6.26
CA ASP A 195 -0.90 -5.09 -6.67
C ASP A 195 -2.35 -5.19 -7.17
N THR A 196 -3.31 -4.44 -6.63
CA THR A 196 -4.70 -4.58 -7.15
C THR A 196 -4.76 -4.06 -8.58
N MET A 197 -4.02 -2.98 -8.87
CA MET A 197 -3.98 -2.47 -10.25
C MET A 197 -3.29 -3.49 -11.18
N ALA A 198 -2.25 -4.16 -10.66
CA ALA A 198 -1.57 -5.18 -11.45
C ALA A 198 -2.46 -6.35 -11.80
N MET A 199 -3.29 -6.75 -10.83
CA MET A 199 -4.29 -7.81 -11.05
C MET A 199 -5.29 -7.42 -12.15
N GLY A 200 -5.78 -6.17 -12.11
CA GLY A 200 -6.70 -5.65 -13.15
C GLY A 200 -6.00 -5.67 -14.52
N ALA A 201 -4.74 -5.21 -14.55
CA ALA A 201 -3.98 -5.18 -15.79
C ALA A 201 -3.76 -6.57 -16.41
N ILE A 202 -3.36 -7.54 -15.58
CA ILE A 202 -3.05 -8.87 -16.11
C ILE A 202 -4.36 -9.49 -16.61
N ALA A 203 -5.45 -9.27 -15.87
CA ALA A 203 -6.76 -9.75 -16.35
C ALA A 203 -7.13 -9.18 -17.74
N ALA A 204 -6.97 -7.87 -17.92
CA ALA A 204 -7.28 -7.20 -19.20
C ALA A 204 -6.37 -7.70 -20.34
N LEU A 205 -5.10 -7.86 -20.02
CA LEU A 205 -4.13 -8.37 -20.99
C LEU A 205 -4.51 -9.78 -21.45
N GLN A 206 -4.85 -10.62 -20.49
CA GLN A 206 -5.22 -12.01 -20.76
C GLN A 206 -6.47 -12.08 -21.64
N ALA A 207 -7.47 -11.24 -21.35
CA ALA A 207 -8.72 -11.19 -22.13
C ALA A 207 -8.54 -10.68 -23.55
N ALA A 208 -7.50 -9.89 -23.75
CA ALA A 208 -7.10 -9.38 -25.08
C ALA A 208 -6.16 -10.33 -25.84
N GLY A 209 -5.81 -11.46 -25.21
CA GLY A 209 -4.87 -12.44 -25.80
C GLY A 209 -3.41 -12.01 -25.85
N ARG A 210 -3.05 -11.12 -24.93
CA ARG A 210 -1.67 -10.61 -24.72
C ARG A 210 -0.97 -11.13 -23.44
N LYS A 211 -0.88 -12.44 -23.31
CA LYS A 211 -0.18 -13.08 -22.18
C LYS A 211 1.37 -12.90 -22.19
N ASP A 212 1.93 -12.40 -23.28
CA ASP A 212 3.38 -12.14 -23.35
C ASP A 212 3.84 -10.84 -22.62
N VAL A 213 2.91 -9.99 -22.25
CA VAL A 213 3.22 -8.70 -21.67
C VAL A 213 3.70 -8.86 -20.22
N ILE A 214 4.82 -8.18 -19.94
CA ILE A 214 5.44 -8.25 -18.64
C ILE A 214 4.74 -7.29 -17.69
N VAL A 215 4.23 -7.81 -16.57
CA VAL A 215 3.63 -6.98 -15.53
C VAL A 215 4.40 -7.08 -14.20
N VAL A 216 4.71 -5.92 -13.60
CA VAL A 216 5.35 -5.83 -12.29
C VAL A 216 4.43 -4.97 -11.40
N GLY A 217 4.13 -5.50 -10.22
CA GLY A 217 3.34 -4.78 -9.24
C GLY A 217 4.07 -4.31 -8.00
N PHE A 218 3.31 -4.04 -6.96
CA PHE A 218 3.85 -3.55 -5.70
C PHE A 218 2.83 -3.85 -4.59
N ASP A 219 3.30 -4.53 -3.56
CA ASP A 219 2.61 -4.81 -2.27
C ASP A 219 3.04 -6.17 -1.70
N GLY A 220 3.00 -7.20 -2.57
CA GLY A 220 3.22 -8.57 -2.11
C GLY A 220 2.01 -9.36 -1.66
N SER A 221 0.86 -9.11 -2.29
CA SER A 221 -0.35 -9.80 -1.89
C SER A 221 -0.35 -11.28 -2.31
N ASN A 222 -1.17 -12.08 -1.62
CA ASN A 222 -1.28 -13.50 -1.99
C ASN A 222 -1.82 -13.61 -3.45
N ASP A 223 -2.72 -12.73 -3.84
CA ASP A 223 -3.30 -12.77 -5.16
C ASP A 223 -2.18 -12.61 -6.22
N VAL A 224 -1.32 -11.62 -6.03
CA VAL A 224 -0.24 -11.42 -6.99
C VAL A 224 0.82 -12.52 -6.86
N ARG A 225 1.06 -13.00 -5.65
CA ARG A 225 1.94 -14.18 -5.46
C ARG A 225 1.51 -15.34 -6.32
N ASP A 226 0.21 -15.61 -6.24
CA ASP A 226 -0.38 -16.72 -6.98
C ASP A 226 -0.24 -16.51 -8.49
N SER A 227 -0.42 -15.28 -8.94
CA SER A 227 -0.19 -14.95 -10.35
C SER A 227 1.28 -15.23 -10.78
N ILE A 228 2.23 -14.83 -9.94
CA ILE A 228 3.65 -15.08 -10.20
C ILE A 228 3.92 -16.57 -10.30
N LYS A 229 3.37 -17.34 -9.36
CA LYS A 229 3.54 -18.80 -9.34
C LYS A 229 3.01 -19.50 -10.59
N SER A 230 1.93 -18.94 -11.13
CA SER A 230 1.24 -19.49 -12.28
C SER A 230 1.77 -18.95 -13.63
N GLY A 231 2.82 -18.12 -13.63
CA GLY A 231 3.35 -17.56 -14.89
C GLY A 231 2.66 -16.32 -15.42
N GLY A 232 1.94 -15.62 -14.54
CA GLY A 232 1.19 -14.42 -14.95
C GLY A 232 2.04 -13.17 -14.75
N ILE A 233 1.75 -12.45 -13.68
CA ILE A 233 2.57 -11.33 -13.25
C ILE A 233 3.99 -11.86 -13.02
N LYS A 234 5.01 -11.05 -13.30
CA LYS A 234 6.41 -11.51 -13.18
C LYS A 234 7.06 -11.20 -11.85
N ALA A 235 6.64 -10.11 -11.21
CA ALA A 235 7.25 -9.69 -9.96
C ALA A 235 6.38 -8.69 -9.23
N THR A 236 6.65 -8.56 -7.94
CA THR A 236 6.10 -7.52 -7.09
C THR A 236 7.13 -7.15 -6.03
N VAL A 237 6.74 -6.23 -5.16
CA VAL A 237 7.59 -5.73 -4.06
C VAL A 237 6.81 -5.88 -2.78
N LEU A 238 7.37 -6.59 -1.82
CA LEU A 238 6.71 -6.85 -0.54
C LEU A 238 6.85 -5.68 0.40
N GLN A 239 5.72 -5.13 0.80
CA GLN A 239 5.62 -4.31 1.99
C GLN A 239 5.21 -5.20 3.15
N PRO A 240 5.88 -5.04 4.30
CA PRO A 240 5.60 -5.94 5.45
C PRO A 240 4.34 -5.50 6.22
N ALA A 241 3.20 -5.64 5.55
CA ALA A 241 1.94 -5.06 6.01
C ALA A 241 1.55 -5.57 7.42
N TYR A 242 1.71 -6.86 7.62
CA TYR A 242 1.31 -7.52 8.87
C TYR A 242 2.18 -7.05 10.00
N ALA A 243 3.50 -7.15 9.81
CA ALA A 243 4.48 -6.70 10.82
C ALA A 243 4.33 -5.21 11.13
N GLN A 244 4.04 -4.39 10.11
CA GLN A 244 3.91 -2.94 10.27
C GLN A 244 2.70 -2.61 11.17
N ALA A 245 1.59 -3.30 10.91
CA ALA A 245 0.42 -3.12 11.74
C ALA A 245 0.65 -3.57 13.18
N GLN A 246 1.39 -4.67 13.36
CA GLN A 246 1.69 -5.13 14.70
C GLN A 246 2.60 -4.17 15.46
N LEU A 247 3.57 -3.60 14.75
CA LEU A 247 4.53 -2.65 15.36
C LEU A 247 3.78 -1.42 15.83
N ALA A 248 2.83 -0.94 15.02
CA ALA A 248 2.03 0.21 15.44
C ALA A 248 1.30 -0.06 16.76
N VAL A 249 0.71 -1.24 16.88
CA VAL A 249 0.04 -1.62 18.13
C VAL A 249 1.01 -1.75 19.30
N GLU A 250 2.22 -2.31 19.06
CA GLU A 250 3.22 -2.40 20.11
C GLU A 250 3.55 -1.00 20.61
N GLN A 251 3.71 -0.04 19.69
CA GLN A 251 4.02 1.35 20.08
C GLN A 251 2.84 2.00 20.81
N ALA A 252 1.62 1.68 20.36
CA ALA A 252 0.45 2.22 21.02
C ALA A 252 0.40 1.71 22.47
N ASP A 253 0.64 0.44 22.65
CA ASP A 253 0.61 -0.19 24.00
C ASP A 253 1.66 0.46 24.90
N ALA A 254 2.86 0.66 24.37
CA ALA A 254 3.93 1.27 25.16
C ALA A 254 3.53 2.68 25.61
N TYR A 255 2.87 3.39 24.71
CA TYR A 255 2.41 4.75 24.99
C TYR A 255 1.30 4.81 26.03
N ILE A 256 0.36 3.89 25.90
CA ILE A 256 -0.76 3.77 26.83
C ILE A 256 -0.21 3.44 28.21
N LYS A 257 0.82 2.61 28.24
CA LYS A 257 1.31 2.09 29.52
C LYS A 257 2.10 3.16 30.32
N ASN A 258 3.00 3.88 29.67
CA ASN A 258 3.79 4.93 30.39
C ASN A 258 4.27 6.11 29.55
N LYS A 259 3.56 6.34 28.45
CA LYS A 259 3.85 7.47 27.52
C LYS A 259 5.17 7.41 26.80
N THR A 260 5.75 6.21 26.71
CA THR A 260 6.89 5.98 25.86
C THR A 260 6.46 6.34 24.44
N THR A 261 7.27 7.15 23.78
CA THR A 261 7.06 7.55 22.42
C THR A 261 8.26 7.07 21.63
N PRO A 262 8.06 6.73 20.34
CA PRO A 262 9.23 6.36 19.58
C PRO A 262 10.18 7.56 19.40
N LYS A 263 11.48 7.29 19.23
CA LYS A 263 12.46 8.39 19.15
C LYS A 263 12.16 9.26 17.94
N GLU A 264 11.78 8.62 16.83
CA GLU A 264 11.39 9.29 15.59
C GLU A 264 9.94 8.93 15.25
N GLU A 265 9.12 9.95 15.03
CA GLU A 265 7.69 9.74 14.68
C GLU A 265 7.63 8.92 13.40
N LYS A 266 8.33 9.40 12.38
CA LYS A 266 8.31 8.79 11.05
C LYS A 266 9.32 7.65 11.00
N GLN A 267 8.84 6.48 10.63
CA GLN A 267 9.60 5.26 10.62
C GLN A 267 9.40 4.51 9.31
N LEU A 268 10.49 4.07 8.71
CA LEU A 268 10.47 3.33 7.46
C LEU A 268 10.82 1.88 7.66
N MET A 269 10.11 1.01 6.93
CA MET A 269 10.35 -0.44 6.93
C MET A 269 10.82 -0.88 5.54
N ASP A 270 11.78 -1.79 5.48
CA ASP A 270 12.34 -2.18 4.18
C ASP A 270 11.40 -3.06 3.39
N CYS A 271 11.46 -2.86 2.08
CA CYS A 271 10.78 -3.72 1.10
C CYS A 271 11.76 -4.78 0.52
N VAL A 272 11.18 -5.82 -0.04
CA VAL A 272 11.89 -6.95 -0.63
C VAL A 272 11.23 -7.30 -1.96
N LEU A 273 12.04 -7.51 -2.98
CA LEU A 273 11.53 -7.95 -4.27
C LEU A 273 11.02 -9.39 -4.17
N ILE A 274 9.82 -9.60 -4.72
CA ILE A 274 9.22 -10.91 -4.88
C ILE A 274 9.19 -11.30 -6.35
N ASN A 275 9.69 -12.49 -6.68
CA ASN A 275 9.56 -13.00 -8.03
C ASN A 275 9.39 -14.51 -7.95
N ALA A 276 9.56 -15.22 -9.07
CA ALA A 276 9.29 -16.65 -9.07
C ALA A 276 10.21 -17.38 -8.11
N ASP A 277 11.39 -16.82 -7.86
CA ASP A 277 12.31 -17.51 -6.97
C ASP A 277 11.98 -17.50 -5.49
N ASN A 278 11.21 -16.51 -5.03
CA ASN A 278 10.85 -16.48 -3.60
C ASN A 278 9.35 -16.38 -3.30
N ALA A 279 8.54 -16.43 -4.35
CA ALA A 279 7.06 -16.33 -4.19
C ALA A 279 6.54 -17.44 -3.28
N GLY A 280 7.19 -18.60 -3.31
CA GLY A 280 6.72 -19.74 -2.53
C GLY A 280 7.04 -19.67 -1.06
N LYS A 281 7.78 -18.64 -0.65
CA LYS A 281 8.08 -18.38 0.75
C LYS A 281 7.21 -17.25 1.33
N LEU A 282 6.32 -16.73 0.49
CA LEU A 282 5.45 -15.58 0.87
C LEU A 282 4.07 -16.01 1.31
N GLU A 283 3.62 -15.45 2.42
CA GLU A 283 2.26 -15.70 2.86
C GLU A 283 1.76 -14.55 3.74
N THR A 284 0.62 -13.98 3.35
CA THR A 284 -0.03 -12.91 4.09
C THR A 284 1.00 -11.85 4.48
N PHE A 285 1.72 -11.36 3.45
CA PHE A 285 2.64 -10.22 3.60
C PHE A 285 3.83 -10.45 4.50
N ALA A 286 4.24 -11.70 4.59
CA ALA A 286 5.47 -12.07 5.34
C ALA A 286 6.20 -13.15 4.59
N LEU A 287 7.53 -13.00 4.58
CA LEU A 287 8.44 -14.02 4.08
C LEU A 287 8.95 -14.90 5.20
N THR A 288 9.04 -16.18 4.89
CA THR A 288 9.64 -17.14 5.82
C THR A 288 10.76 -17.85 5.09
#